data_6ZPP
#
_entry.id   6ZPP
#
_cell.length_a   44.127
_cell.length_b   31.200
_cell.length_c   59.316
_cell.angle_alpha   90.000
_cell.angle_beta   91.960
_cell.angle_gamma   90.000
#
_symmetry.space_group_name_H-M   'P 1 21 1'
#
loop_
_entity.id
_entity.type
_entity.pdbx_description
1 polymer 'virulence factor'
2 non-polymer 'CHLORIDE ION'
3 water water
#
_entity_poly.entity_id   1
_entity_poly.type   'polypeptide(L)'
_entity_poly.pdbx_seq_one_letter_code
;SRLSNAFVLATTASAAAVPSPALPADDILLAINQSLRLVDSRAA(MSE)LVSQVRHGAINNVGSLADSYHELIFSLRGAV
RAVDDVWRPLPKDAP(MSE)RIVESLRPFQKIPASLRSALKERLDAIAERPGGCQAVDDNNRQLGLDFDRLYWEIASSSS
FSAIHETVSSQQKQFETA(MSE)RELTDEFSSRCLRRAQASA
;
_entity_poly.pdbx_strand_id   A
#
# COMPACT_ATOMS: atom_id res chain seq x y z
N ASP A 26 -4.26 -23.20 9.23
CA ASP A 26 -3.18 -22.38 9.83
C ASP A 26 -2.10 -21.84 8.92
N ASP A 27 -1.50 -22.63 8.01
CA ASP A 27 -0.42 -22.10 7.21
CA ASP A 27 -0.40 -22.09 7.22
C ASP A 27 -0.89 -21.09 6.16
N ILE A 28 -2.08 -21.31 5.60
CA ILE A 28 -2.66 -20.37 4.63
C ILE A 28 -2.90 -19.03 5.29
N LEU A 29 -3.50 -19.05 6.46
CA LEU A 29 -3.81 -17.83 7.20
C LEU A 29 -2.55 -17.14 7.65
N LEU A 30 -1.54 -17.88 8.08
CA LEU A 30 -0.26 -17.30 8.47
C LEU A 30 0.37 -16.60 7.30
N ALA A 31 0.35 -17.21 6.14
CA ALA A 31 0.95 -16.60 4.95
C ALA A 31 0.24 -15.31 4.60
N ILE A 32 -1.07 -15.30 4.70
CA ILE A 32 -1.80 -14.08 4.45
C ILE A 32 -1.40 -12.99 5.43
N ASN A 33 -1.46 -13.27 6.72
CA ASN A 33 -1.22 -12.17 7.64
C ASN A 33 0.24 -11.75 7.63
N GLN A 34 1.18 -12.70 7.51
CA GLN A 34 2.59 -12.26 7.40
C GLN A 34 2.74 -11.39 6.16
N SER A 35 2.05 -11.71 5.06
CA SER A 35 2.22 -10.87 3.85
CA SER A 35 2.23 -10.87 3.86
C SER A 35 1.70 -9.48 4.10
N LEU A 36 0.58 -9.36 4.84
CA LEU A 36 0.04 -8.04 5.14
CA LEU A 36 0.04 -8.05 5.17
C LEU A 36 0.96 -7.28 6.09
N ARG A 37 1.61 -8.01 7.06
CA ARG A 37 2.54 -7.31 7.92
C ARG A 37 3.72 -6.83 7.13
N LEU A 38 4.12 -7.58 6.09
CA LEU A 38 5.31 -7.19 5.32
C LEU A 38 5.00 -5.93 4.56
N VAL A 39 3.77 -5.83 4.06
CA VAL A 39 3.35 -4.58 3.39
C VAL A 39 3.52 -3.40 4.35
N ASP A 40 3.06 -3.51 5.60
CA ASP A 40 3.21 -2.38 6.50
C ASP A 40 4.68 -2.06 6.76
N SER A 41 5.50 -3.08 6.93
CA SER A 41 6.95 -2.88 7.09
C SER A 41 7.53 -2.16 5.87
N ARG A 42 7.18 -2.63 4.68
CA ARG A 42 7.77 -2.00 3.49
C ARG A 42 7.25 -0.59 3.32
N ALA A 43 6.00 -0.32 3.74
CA ALA A 43 5.52 1.06 3.68
C ALA A 43 6.32 1.96 4.61
N ALA A 44 6.65 1.50 5.81
CA ALA A 44 7.44 2.32 6.72
C ALA A 44 8.81 2.60 6.16
N LEU A 46 9.46 2.79 2.95
CA LEU A 46 9.29 3.80 1.90
C LEU A 46 9.20 5.20 2.51
N VAL A 47 8.41 5.37 3.56
CA VAL A 47 8.24 6.69 4.15
C VAL A 47 9.59 7.19 4.68
N SER A 48 10.38 6.29 5.25
CA SER A 48 11.70 6.65 5.72
CA SER A 48 11.69 6.66 5.74
C SER A 48 12.60 7.07 4.57
N GLN A 49 12.55 6.34 3.48
CA GLN A 49 13.38 6.64 2.32
C GLN A 49 13.04 8.01 1.75
N VAL A 50 11.75 8.33 1.67
CA VAL A 50 11.34 9.65 1.21
C VAL A 50 11.91 10.73 2.13
N ARG A 51 11.75 10.56 3.45
CA ARG A 51 12.21 11.57 4.39
C ARG A 51 13.73 11.67 4.43
N HIS A 52 14.40 10.53 4.62
CA HIS A 52 15.82 10.50 5.00
C HIS A 52 16.75 10.05 3.89
N GLY A 53 16.23 9.54 2.78
CA GLY A 53 17.10 9.03 1.74
C GLY A 53 17.93 10.16 1.14
N ALA A 54 19.17 9.82 0.76
CA ALA A 54 20.00 10.73 -0.02
C ALA A 54 19.37 10.91 -1.40
N GLY A 59 15.08 6.68 -7.13
CA GLY A 59 16.25 5.87 -7.46
C GLY A 59 16.42 4.74 -6.45
N SER A 60 17.13 5.04 -5.37
CA SER A 60 16.90 4.27 -4.16
C SER A 60 15.45 4.46 -3.69
N LEU A 61 14.90 5.63 -3.97
CA LEU A 61 13.49 5.90 -3.69
C LEU A 61 12.59 5.06 -4.58
N ALA A 62 12.90 4.97 -5.87
CA ALA A 62 12.05 4.17 -6.73
C ALA A 62 12.12 2.71 -6.31
N ASP A 63 13.31 2.25 -5.92
CA ASP A 63 13.40 0.87 -5.43
CA ASP A 63 13.47 0.89 -5.38
C ASP A 63 12.47 0.63 -4.27
N SER A 64 12.36 1.59 -3.34
CA SER A 64 11.53 1.36 -2.17
CA SER A 64 11.52 1.41 -2.16
C SER A 64 10.05 1.31 -2.56
N TYR A 65 9.61 2.10 -3.50
CA TYR A 65 8.25 1.98 -4.01
C TYR A 65 8.06 0.63 -4.65
N HIS A 66 9.03 0.20 -5.47
CA HIS A 66 8.90 -1.10 -6.14
C HIS A 66 8.78 -2.24 -5.16
N GLU A 67 9.61 -2.24 -4.12
CA GLU A 67 9.51 -3.32 -3.13
C GLU A 67 8.15 -3.29 -2.43
N LEU A 68 7.62 -2.11 -2.14
CA LEU A 68 6.27 -2.07 -1.55
C LEU A 68 5.27 -2.65 -2.53
N ILE A 69 5.34 -2.26 -3.81
CA ILE A 69 4.44 -2.79 -4.83
C ILE A 69 4.49 -4.31 -4.85
N PHE A 70 5.71 -4.89 -4.82
CA PHE A 70 5.78 -6.35 -4.91
C PHE A 70 5.40 -7.00 -3.62
N SER A 71 5.48 -6.31 -2.46
CA SER A 71 4.90 -6.93 -1.27
C SER A 71 3.39 -6.97 -1.39
N LEU A 72 2.78 -5.95 -1.97
CA LEU A 72 1.32 -5.98 -2.19
C LEU A 72 0.96 -7.14 -3.10
N ARG A 73 1.70 -7.33 -4.19
CA ARG A 73 1.44 -8.41 -5.11
C ARG A 73 1.58 -9.75 -4.44
N GLY A 74 2.54 -9.89 -3.52
CA GLY A 74 2.70 -11.18 -2.86
C GLY A 74 1.54 -11.40 -1.90
N ALA A 75 1.00 -10.33 -1.31
CA ALA A 75 -0.19 -10.49 -0.45
C ALA A 75 -1.40 -10.93 -1.25
N VAL A 76 -1.57 -10.39 -2.46
CA VAL A 76 -2.65 -10.82 -3.34
C VAL A 76 -2.53 -12.31 -3.60
N ARG A 77 -1.29 -12.79 -3.88
CA ARG A 77 -1.08 -14.21 -4.17
C ARG A 77 -1.47 -15.02 -2.98
N ALA A 78 -1.17 -14.52 -1.78
CA ALA A 78 -1.46 -15.33 -0.59
C ALA A 78 -2.96 -15.39 -0.34
N VAL A 79 -3.65 -14.29 -0.52
CA VAL A 79 -5.12 -14.28 -0.42
C VAL A 79 -5.71 -15.24 -1.42
N ASP A 80 -5.16 -15.26 -2.63
CA ASP A 80 -5.76 -16.08 -3.67
C ASP A 80 -5.47 -17.54 -3.46
N ASP A 81 -4.58 -17.87 -2.52
CA ASP A 81 -4.22 -19.26 -2.31
C ASP A 81 -5.22 -19.96 -1.41
N VAL A 82 -6.19 -19.25 -0.86
CA VAL A 82 -7.22 -19.93 -0.08
C VAL A 82 -7.99 -20.91 -0.96
N TRP A 83 -8.06 -22.17 -0.51
CA TRP A 83 -8.69 -23.25 -1.28
C TRP A 83 -9.63 -24.09 -0.42
N ARG A 84 -9.95 -23.63 0.80
CA ARG A 84 -10.53 -24.41 1.87
C ARG A 84 -10.99 -23.41 2.94
N PRO A 85 -12.13 -23.60 3.59
CA PRO A 85 -12.57 -22.62 4.59
C PRO A 85 -11.53 -22.41 5.68
N LEU A 86 -11.44 -21.21 6.14
CA LEU A 86 -10.51 -20.88 7.19
C LEU A 86 -11.21 -20.90 8.54
N PRO A 87 -10.50 -20.95 9.66
CA PRO A 87 -11.17 -21.02 10.96
C PRO A 87 -11.88 -19.70 11.25
N LYS A 88 -12.75 -19.74 12.25
CA LYS A 88 -13.62 -18.64 12.63
C LYS A 88 -12.87 -17.43 13.16
N ASP A 89 -11.59 -17.54 13.48
CA ASP A 89 -10.89 -16.36 13.93
C ASP A 89 -10.18 -15.66 12.78
N ALA A 90 -10.25 -16.23 11.56
CA ALA A 90 -9.51 -15.60 10.46
C ALA A 90 -9.97 -14.19 10.18
N PRO A 91 -11.26 -13.89 10.08
CA PRO A 91 -11.60 -12.53 9.64
C PRO A 91 -11.18 -11.50 10.67
N ARG A 93 -8.45 -11.66 12.60
CA ARG A 93 -7.01 -11.54 12.48
C ARG A 93 -6.67 -10.74 11.24
N ILE A 94 -7.43 -10.97 10.15
CA ILE A 94 -7.17 -10.20 8.91
C ILE A 94 -7.46 -8.72 9.18
N VAL A 95 -8.59 -8.41 9.83
CA VAL A 95 -8.92 -7.01 10.16
C VAL A 95 -7.80 -6.37 10.94
N GLU A 96 -7.28 -7.04 11.97
CA GLU A 96 -6.15 -6.50 12.72
C GLU A 96 -4.93 -6.24 11.82
N SER A 97 -4.62 -7.13 10.89
CA SER A 97 -3.45 -6.94 10.00
C SER A 97 -3.69 -5.86 8.97
N LEU A 98 -4.95 -5.59 8.65
CA LEU A 98 -5.25 -4.52 7.68
C LEU A 98 -5.25 -3.14 8.36
N ARG A 99 -5.42 -3.07 9.67
CA ARG A 99 -5.66 -1.80 10.33
C ARG A 99 -4.55 -0.79 10.10
N PRO A 100 -3.27 -1.16 10.10
CA PRO A 100 -2.21 -0.16 9.97
C PRO A 100 -2.20 0.47 8.60
N PHE A 101 -2.81 -0.16 7.62
CA PHE A 101 -2.81 0.39 6.27
C PHE A 101 -3.50 1.72 6.28
N GLN A 102 -4.49 1.92 7.13
CA GLN A 102 -5.25 3.17 7.07
C GLN A 102 -4.38 4.39 7.30
N LYS A 103 -3.26 4.24 7.96
CA LYS A 103 -2.38 5.34 8.33
C LYS A 103 -1.35 5.59 7.24
N ILE A 104 -1.21 4.69 6.27
CA ILE A 104 -0.16 4.85 5.24
C ILE A 104 -0.30 6.09 4.39
N PRO A 105 -1.44 6.40 3.81
CA PRO A 105 -1.49 7.60 2.95
C PRO A 105 -1.06 8.84 3.71
N ALA A 106 -1.49 9.04 4.96
CA ALA A 106 -1.11 10.30 5.61
C ALA A 106 0.39 10.34 5.87
N SER A 107 1.00 9.19 6.21
CA SER A 107 2.43 9.18 6.48
C SER A 107 3.21 9.47 5.21
N LEU A 108 2.84 8.88 4.10
CA LEU A 108 3.48 9.11 2.82
C LEU A 108 3.27 10.55 2.37
N ARG A 109 2.03 11.06 2.48
CA ARG A 109 1.75 12.45 2.14
C ARG A 109 2.67 13.40 2.88
N SER A 110 2.78 13.20 4.19
CA SER A 110 3.59 14.09 5.02
C SER A 110 5.05 14.07 4.58
N ALA A 111 5.59 12.89 4.35
CA ALA A 111 6.97 12.75 3.91
C ALA A 111 7.20 13.40 2.55
N LEU A 112 6.29 13.18 1.64
CA LEU A 112 6.44 13.74 0.29
C LEU A 112 6.39 15.26 0.31
N LYS A 113 5.54 15.86 1.18
CA LYS A 113 5.51 17.29 1.33
C LYS A 113 6.86 17.83 1.78
N GLU A 114 7.55 17.12 2.68
CA GLU A 114 8.86 17.60 3.10
C GLU A 114 9.87 17.62 1.98
N ARG A 115 9.91 16.59 1.15
CA ARG A 115 10.93 16.46 0.12
C ARG A 115 10.48 16.98 -1.23
N LEU A 116 9.28 17.55 -1.31
CA LEU A 116 8.77 17.95 -2.63
C LEU A 116 9.75 18.83 -3.37
N ASP A 117 10.29 19.86 -2.72
CA ASP A 117 11.02 20.79 -3.57
C ASP A 117 12.30 20.13 -4.06
N ALA A 118 12.92 19.32 -3.20
CA ALA A 118 14.12 18.59 -3.60
C ALA A 118 13.84 17.59 -4.71
N ILE A 119 12.68 16.93 -4.67
CA ILE A 119 12.33 16.01 -5.73
C ILE A 119 12.12 16.76 -7.03
N ALA A 120 11.46 17.93 -6.97
CA ALA A 120 11.18 18.69 -8.18
C ALA A 120 12.46 19.16 -8.86
N GLU A 121 13.52 19.32 -8.09
CA GLU A 121 14.81 19.80 -8.59
C GLU A 121 15.51 18.78 -9.48
N ARG A 122 15.19 17.48 -9.32
CA ARG A 122 15.82 16.40 -10.05
C ARG A 122 15.09 16.19 -11.37
N PRO A 123 15.78 16.23 -12.52
CA PRO A 123 15.11 15.96 -13.79
C PRO A 123 14.33 14.65 -13.77
N GLY A 124 13.08 14.72 -14.23
CA GLY A 124 12.21 13.57 -14.16
C GLY A 124 11.81 13.14 -12.76
N GLY A 125 12.12 13.92 -11.73
CA GLY A 125 11.76 13.52 -10.38
C GLY A 125 10.26 13.52 -10.14
N CYS A 126 9.58 14.60 -10.53
CA CYS A 126 8.13 14.64 -10.28
C CYS A 126 7.44 13.50 -10.97
N GLN A 127 7.80 13.25 -12.22
CA GLN A 127 7.12 12.24 -13.00
C GLN A 127 7.39 10.84 -12.47
N ALA A 128 8.59 10.57 -11.96
CA ALA A 128 8.84 9.25 -11.41
C ALA A 128 8.06 9.02 -10.12
N VAL A 129 8.00 10.00 -9.23
CA VAL A 129 7.21 9.86 -8.02
C VAL A 129 5.73 9.72 -8.36
N ASP A 130 5.23 10.51 -9.30
CA ASP A 130 3.84 10.46 -9.71
C ASP A 130 3.50 9.07 -10.21
N ASP A 131 4.37 8.50 -11.05
CA ASP A 131 4.07 7.19 -11.62
C ASP A 131 4.03 6.15 -10.53
N ASN A 132 4.95 6.23 -9.59
CA ASN A 132 4.98 5.27 -8.49
C ASN A 132 3.79 5.47 -7.57
N ASN A 133 3.42 6.73 -7.28
CA ASN A 133 2.23 6.92 -6.42
C ASN A 133 1.02 6.30 -7.09
N ARG A 134 0.85 6.52 -8.39
CA ARG A 134 -0.32 6.00 -9.08
C ARG A 134 -0.33 4.49 -9.01
N GLN A 135 0.81 3.88 -9.31
CA GLN A 135 0.82 2.41 -9.28
C GLN A 135 0.57 1.91 -7.88
N LEU A 136 1.12 2.59 -6.88
CA LEU A 136 0.98 2.06 -5.51
C LEU A 136 -0.48 2.07 -5.13
N GLY A 137 -1.23 3.10 -5.52
CA GLY A 137 -2.66 3.12 -5.23
C GLY A 137 -3.40 1.98 -5.88
N LEU A 138 -3.04 1.63 -7.12
CA LEU A 138 -3.65 0.51 -7.82
C LEU A 138 -3.32 -0.80 -7.14
N ASP A 139 -2.06 -1.00 -6.72
CA ASP A 139 -1.71 -2.28 -6.05
C ASP A 139 -2.39 -2.39 -4.71
N PHE A 140 -2.50 -1.34 -3.94
CA PHE A 140 -3.29 -1.46 -2.70
C PHE A 140 -4.75 -1.75 -3.03
N ASP A 141 -5.33 -1.10 -4.01
CA ASP A 141 -6.77 -1.29 -4.26
C ASP A 141 -7.01 -2.74 -4.69
N ARG A 142 -6.08 -3.30 -5.47
CA ARG A 142 -6.23 -4.70 -5.87
C ARG A 142 -6.23 -5.58 -4.65
N LEU A 143 -5.26 -5.38 -3.72
CA LEU A 143 -5.18 -6.24 -2.53
C LEU A 143 -6.46 -6.11 -1.71
N TYR A 144 -6.88 -4.91 -1.42
CA TYR A 144 -8.17 -4.74 -0.71
C TYR A 144 -9.30 -5.53 -1.38
N TRP A 145 -9.42 -5.42 -2.70
CA TRP A 145 -10.55 -6.01 -3.42
C TRP A 145 -10.44 -7.52 -3.37
N GLU A 146 -9.19 -8.02 -3.39
CA GLU A 146 -9.01 -9.47 -3.35
C GLU A 146 -9.58 -9.99 -2.04
N ILE A 147 -9.35 -9.25 -0.97
CA ILE A 147 -9.87 -9.70 0.33
C ILE A 147 -11.37 -9.50 0.39
N ALA A 148 -11.82 -8.30 0.01
CA ALA A 148 -13.23 -7.92 0.09
C ALA A 148 -14.11 -8.86 -0.70
N SER A 149 -13.62 -9.37 -1.81
CA SER A 149 -14.43 -10.18 -2.69
CA SER A 149 -14.36 -10.20 -2.74
C SER A 149 -14.18 -11.69 -2.50
N SER A 150 -13.25 -12.06 -1.59
CA SER A 150 -13.01 -13.48 -1.32
C SER A 150 -14.20 -14.14 -0.63
N SER A 151 -14.67 -15.28 -1.14
CA SER A 151 -15.71 -15.95 -0.41
C SER A 151 -15.26 -16.37 0.98
N SER A 152 -13.97 -16.58 1.21
CA SER A 152 -13.51 -16.98 2.55
C SER A 152 -13.49 -15.82 3.53
N PHE A 153 -13.69 -14.61 3.09
CA PHE A 153 -13.67 -13.45 3.96
C PHE A 153 -15.00 -12.71 3.88
N SER A 154 -16.07 -13.42 3.55
CA SER A 154 -17.34 -12.73 3.38
C SER A 154 -17.82 -12.10 4.68
N ALA A 155 -17.39 -12.63 5.83
CA ALA A 155 -17.90 -12.02 7.03
C ALA A 155 -17.36 -10.63 7.30
N ILE A 156 -16.33 -10.18 6.56
CA ILE A 156 -15.80 -8.83 6.74
C ILE A 156 -15.87 -8.04 5.45
N HIS A 157 -16.74 -8.45 4.52
CA HIS A 157 -16.74 -7.79 3.20
C HIS A 157 -17.01 -6.30 3.35
N GLU A 158 -18.02 -5.92 4.17
CA GLU A 158 -18.36 -4.50 4.28
C GLU A 158 -17.25 -3.73 4.97
N THR A 159 -16.65 -4.28 6.02
CA THR A 159 -15.54 -3.57 6.65
C THR A 159 -14.37 -3.37 5.69
N VAL A 160 -13.96 -4.42 4.97
CA VAL A 160 -12.79 -4.31 4.10
C VAL A 160 -13.10 -3.36 2.96
N SER A 161 -14.32 -3.42 2.41
CA SER A 161 -14.70 -2.52 1.30
C SER A 161 -14.71 -1.09 1.77
N SER A 162 -15.17 -0.82 2.99
CA SER A 162 -15.15 0.55 3.51
C SER A 162 -13.71 1.04 3.65
N GLN A 163 -12.84 0.23 4.26
CA GLN A 163 -11.44 0.62 4.38
C GLN A 163 -10.80 0.84 3.03
N GLN A 164 -11.14 0.02 2.05
CA GLN A 164 -10.59 0.13 0.69
C GLN A 164 -10.91 1.49 0.12
N LYS A 165 -12.20 1.84 0.13
CA LYS A 165 -12.63 3.12 -0.47
C LYS A 165 -11.96 4.30 0.22
N GLN A 166 -11.81 4.24 1.55
CA GLN A 166 -11.20 5.40 2.22
C GLN A 166 -9.72 5.48 1.92
N PHE A 167 -9.04 4.33 1.88
CA PHE A 167 -7.65 4.30 1.44
C PHE A 167 -7.52 4.91 0.04
N GLU A 168 -8.41 4.53 -0.86
CA GLU A 168 -8.38 5.01 -2.24
C GLU A 168 -8.52 6.52 -2.27
N THR A 169 -9.49 7.06 -1.52
CA THR A 169 -9.75 8.49 -1.54
C THR A 169 -8.51 9.23 -1.08
N ALA A 170 -7.90 8.78 -0.02
CA ALA A 170 -6.74 9.46 0.50
C ALA A 170 -5.55 9.28 -0.42
N ARG A 172 -5.57 8.79 -3.64
CA ARG A 172 -5.80 9.66 -4.81
C ARG A 172 -5.53 11.12 -4.52
N GLU A 173 -6.01 11.59 -3.38
CA GLU A 173 -5.82 12.99 -3.08
C GLU A 173 -4.32 13.29 -2.97
N LEU A 174 -3.53 12.39 -2.34
CA LEU A 174 -2.14 12.81 -2.16
C LEU A 174 -1.43 12.70 -3.50
N THR A 175 -1.87 11.77 -4.35
CA THR A 175 -1.25 11.60 -5.65
C THR A 175 -1.49 12.83 -6.50
N ASP A 176 -2.73 13.30 -6.54
CA ASP A 176 -3.06 14.46 -7.35
C ASP A 176 -2.44 15.73 -6.77
N GLU A 177 -2.47 15.87 -5.44
CA GLU A 177 -1.82 17.01 -4.78
C GLU A 177 -0.33 17.06 -5.07
N PHE A 178 0.37 15.94 -4.91
CA PHE A 178 1.79 15.94 -5.15
C PHE A 178 2.09 16.28 -6.60
N SER A 179 1.41 15.62 -7.53
CA SER A 179 1.65 15.87 -8.95
C SER A 179 1.49 17.32 -9.31
N SER A 180 0.44 17.98 -8.80
CA SER A 180 0.18 19.33 -9.25
C SER A 180 1.19 20.30 -8.63
N ARG A 181 1.57 20.07 -7.37
CA ARG A 181 2.54 20.94 -6.71
C ARG A 181 3.96 20.73 -7.20
N CYS A 182 4.33 19.50 -7.53
CA CYS A 182 5.68 19.20 -7.99
C CYS A 182 5.89 19.77 -9.39
N LEU A 183 4.92 19.59 -10.28
CA LEU A 183 4.95 20.21 -11.60
C LEU A 183 5.25 21.69 -11.50
N ARG A 184 4.58 22.38 -10.58
CA ARG A 184 4.74 23.83 -10.49
C ARG A 184 6.10 24.21 -9.91
N ARG A 185 6.57 23.49 -8.89
CA ARG A 185 7.89 23.73 -8.33
C ARG A 185 9.00 23.35 -9.31
N ALA A 186 8.74 22.36 -10.15
CA ALA A 186 9.68 21.93 -11.18
C ALA A 186 9.96 23.08 -12.15
#